data_4ZRJ
#
_entry.id   4ZRJ
#
_cell.length_a   67.895
_cell.length_b   68.202
_cell.length_c   82.320
_cell.angle_alpha   90.00
_cell.angle_beta   90.00
_cell.angle_gamma   90.00
#
_symmetry.space_group_name_H-M   'P 21 21 21'
#
loop_
_entity.id
_entity.type
_entity.pdbx_description
1 polymer Merlin
2 polymer Merlin
3 non-polymer GLYCEROL
4 water water
#
loop_
_entity_poly.entity_id
_entity_poly.type
_entity_poly.pdbx_seq_one_letter_code
_entity_poly.pdbx_strand_id
1 'polypeptide(L)'
;MAGAIASRMSFSSLKRKQPKTFTVRIVTMDAEMEFNCEMKWKGKDLFDLVCRTLGLRETWFFGLQYTIKDTVAWLKMDKK
VLDHDVSKEEPVTFHFLAKFYPENAEEELVQEITQHLFFLQVKKQILDEKIYCPPEASVLLASYAVQAKYGDYDPSVHKR
GFLAQEELLPKRVINLYQMTPEMWEERITAWYAEHRGRARDEAEMEYLKIAQDLEMYGVNYFAIRNKKGTELLLGVDALG
LHIYDPENRLTPKISFPWNEIRNISYSDKEFTIKPLDKKIDVFKFNSSKLRVNKLILQLCIGNHDLFMRRRKADSLEVQQ
;
A
2 'polypeptide(L)'
;SFDFKDTDMKRLDMEIEKEKVEYMEKSKHLQEQLNELKTEIEALKLKERETALDILHNENSDRGGSSKHNTIKKLTLQSW
KSRVAFFEEL
;
B
#
loop_
_chem_comp.id
_chem_comp.type
_chem_comp.name
_chem_comp.formula
GOL non-polymer GLYCEROL 'C3 H8 O3'
#
# COMPACT_ATOMS: atom_id res chain seq x y z
N PRO A 19 -18.34 14.17 32.51
CA PRO A 19 -19.50 13.58 31.85
C PRO A 19 -19.47 12.04 31.91
N LYS A 20 -19.16 11.39 30.79
CA LYS A 20 -19.14 9.91 30.76
C LYS A 20 -18.30 9.28 29.65
N THR A 21 -17.39 8.38 30.02
CA THR A 21 -16.56 7.68 29.05
C THR A 21 -16.97 6.23 28.81
N PHE A 22 -16.63 5.74 27.63
CA PHE A 22 -16.71 4.33 27.33
C PHE A 22 -15.35 3.83 26.88
N THR A 23 -15.06 2.57 27.13
CA THR A 23 -13.74 2.06 26.83
C THR A 23 -13.58 1.74 25.35
N VAL A 24 -12.46 2.17 24.81
CA VAL A 24 -12.11 1.89 23.43
C VAL A 24 -10.78 1.15 23.40
N ARG A 25 -10.74 0.09 22.62
CA ARG A 25 -9.52 -0.66 22.44
C ARG A 25 -8.94 -0.28 21.08
N ILE A 26 -7.68 0.11 21.10
CA ILE A 26 -7.00 0.49 19.88
C ILE A 26 -5.89 -0.49 19.58
N VAL A 27 -6.01 -1.18 18.45
CA VAL A 27 -5.02 -2.14 18.03
C VAL A 27 -4.17 -1.54 16.93
N THR A 28 -2.87 -1.56 17.16
CA THR A 28 -1.93 -0.98 16.23
C THR A 28 -1.18 -2.17 15.63
N MET A 29 -0.27 -1.92 14.67
CA MET A 29 0.51 -3.03 14.13
C MET A 29 1.41 -3.68 15.21
N ASP A 30 1.55 -3.01 16.35
CA ASP A 30 2.61 -3.26 17.32
C ASP A 30 2.09 -3.65 18.70
N ALA A 31 0.83 -3.32 18.96
CA ALA A 31 0.41 -3.13 20.33
C ALA A 31 -1.08 -3.01 20.45
N GLU A 32 -1.56 -3.18 21.67
CA GLU A 32 -2.96 -3.05 22.00
C GLU A 32 -3.01 -2.17 23.23
N MET A 33 -3.89 -1.18 23.22
CA MET A 33 -3.99 -0.24 24.32
C MET A 33 -5.43 0.23 24.45
N GLU A 34 -5.74 0.88 25.56
CA GLU A 34 -7.10 1.35 25.78
C GLU A 34 -7.17 2.83 26.12
N PHE A 35 -8.25 3.44 25.70
CA PHE A 35 -8.54 4.82 26.03
C PHE A 35 -9.94 4.91 26.60
N ASN A 36 -10.16 5.94 27.41
CA ASN A 36 -11.48 6.28 27.87
C ASN A 36 -12.04 7.34 26.95
N CYS A 37 -13.01 6.96 26.13
CA CYS A 37 -13.52 7.89 25.12
C CYS A 37 -14.75 8.62 25.63
N GLU A 38 -14.73 9.94 25.55
CA GLU A 38 -15.89 10.71 25.98
C GLU A 38 -17.05 10.46 25.02
N MET A 39 -18.25 10.35 25.58
CA MET A 39 -19.45 10.14 24.77
C MET A 39 -19.68 11.27 23.76
N LYS A 40 -19.21 12.47 24.07
CA LYS A 40 -19.42 13.59 23.16
C LYS A 40 -18.37 13.65 22.05
N TRP A 41 -17.35 12.82 22.11
CA TRP A 41 -16.21 12.99 21.20
C TRP A 41 -16.52 12.67 19.75
N LYS A 42 -15.92 13.43 18.87
CA LYS A 42 -16.00 13.14 17.45
C LYS A 42 -14.83 12.25 17.10
N GLY A 43 -14.87 11.65 15.92
CA GLY A 43 -13.75 10.88 15.39
C GLY A 43 -12.40 11.60 15.48
N LYS A 44 -12.41 12.92 15.31
CA LYS A 44 -11.18 13.69 15.30
C LYS A 44 -10.55 13.72 16.69
N ASP A 45 -11.40 13.85 17.70
CA ASP A 45 -10.98 13.86 19.09
C ASP A 45 -10.23 12.58 19.47
N LEU A 46 -10.85 11.43 19.20
CA LEU A 46 -10.29 10.14 19.54
C LEU A 46 -9.04 9.89 18.72
N PHE A 47 -9.14 10.20 17.43
CA PHE A 47 -8.01 10.12 16.51
C PHE A 47 -6.80 10.93 16.99
N ASP A 48 -7.02 12.20 17.33
CA ASP A 48 -5.93 13.07 17.75
C ASP A 48 -5.32 12.59 19.07
N LEU A 49 -6.18 12.13 19.98
CA LEU A 49 -5.72 11.49 21.22
C LEU A 49 -4.81 10.28 20.96
N VAL A 50 -5.22 9.38 20.06
CA VAL A 50 -4.35 8.25 19.70
C VAL A 50 -3.03 8.72 19.06
N CYS A 51 -3.10 9.62 18.09
CA CYS A 51 -1.89 10.04 17.41
C CYS A 51 -0.90 10.71 18.38
N ARG A 52 -1.41 11.62 19.21
CA ARG A 52 -0.59 12.25 20.26
C ARG A 52 0.05 11.21 21.19
N THR A 53 -0.69 10.16 21.48
CA THR A 53 -0.20 9.13 22.38
C THR A 53 0.98 8.40 21.73
N LEU A 54 0.92 8.26 20.41
CA LEU A 54 1.95 7.57 19.66
C LEU A 54 3.09 8.49 19.29
N GLY A 55 2.89 9.79 19.50
CA GLY A 55 3.89 10.76 19.13
C GLY A 55 3.89 10.98 17.63
N LEU A 56 2.75 10.73 17.01
CA LEU A 56 2.66 10.84 15.56
C LEU A 56 2.10 12.20 15.12
N ARG A 57 2.82 12.86 14.21
CA ARG A 57 2.39 14.15 13.68
C ARG A 57 1.87 14.03 12.24
N GLU A 58 2.42 13.10 11.49
CA GLU A 58 1.96 12.84 10.12
C GLU A 58 0.66 12.04 10.11
N THR A 59 -0.39 12.62 10.69
CA THR A 59 -1.62 11.90 10.94
C THR A 59 -2.46 11.68 9.67
N TRP A 60 -2.23 12.49 8.62
CA TRP A 60 -3.06 12.44 7.42
C TRP A 60 -3.09 11.06 6.74
N PHE A 61 -2.04 10.26 6.94
CA PHE A 61 -1.96 8.94 6.33
C PHE A 61 -2.83 7.92 7.04
N PHE A 62 -3.12 8.15 8.32
CA PHE A 62 -3.70 7.12 9.19
C PHE A 62 -5.21 7.22 9.44
N GLY A 63 -5.77 6.15 9.99
CA GLY A 63 -7.17 6.14 10.35
C GLY A 63 -7.50 5.12 11.41
N LEU A 64 -8.74 5.18 11.90
CA LEU A 64 -9.24 4.19 12.85
C LEU A 64 -10.26 3.34 12.12
N GLN A 65 -9.96 2.06 11.98
CA GLN A 65 -10.79 1.18 11.16
C GLN A 65 -11.59 0.23 12.04
N TYR A 66 -12.86 0.03 11.72
CA TYR A 66 -13.63 -1.00 12.38
C TYR A 66 -14.27 -1.88 11.34
N THR A 67 -14.91 -2.95 11.80
CA THR A 67 -15.63 -3.85 10.89
C THR A 67 -17.13 -3.77 11.13
N ILE A 68 -17.91 -3.58 10.06
CA ILE A 68 -19.36 -3.76 10.14
C ILE A 68 -19.84 -4.66 9.03
N LYS A 69 -20.48 -5.76 9.42
CA LYS A 69 -21.09 -6.68 8.47
C LYS A 69 -20.07 -7.19 7.47
N ASP A 70 -20.28 -6.89 6.20
CA ASP A 70 -19.39 -7.40 5.16
C ASP A 70 -18.11 -6.60 4.98
N THR A 71 -18.06 -5.37 5.47
CA THR A 71 -16.97 -4.45 5.14
C THR A 71 -16.18 -3.96 6.34
N VAL A 72 -15.17 -3.18 6.04
CA VAL A 72 -14.51 -2.38 7.04
C VAL A 72 -15.01 -0.95 6.85
N ALA A 73 -14.83 -0.14 7.87
CA ALA A 73 -15.22 1.25 7.82
C ALA A 73 -14.15 2.08 8.52
N TRP A 74 -14.06 3.35 8.17
CA TRP A 74 -13.12 4.24 8.83
C TRP A 74 -13.88 5.29 9.63
N LEU A 75 -13.47 5.48 10.88
CA LEU A 75 -14.05 6.53 11.71
C LEU A 75 -13.98 7.88 11.00
N LYS A 76 -15.13 8.55 10.88
CA LYS A 76 -15.17 9.86 10.24
C LYS A 76 -14.79 10.95 11.23
N MET A 77 -13.99 11.91 10.79
CA MET A 77 -13.43 12.90 11.69
C MET A 77 -14.49 13.82 12.27
N ASP A 78 -15.45 14.24 11.43
CA ASP A 78 -16.47 15.24 11.78
C ASP A 78 -17.57 14.69 12.67
N LYS A 79 -17.69 13.37 12.70
CA LYS A 79 -18.84 12.71 13.28
C LYS A 79 -18.55 12.12 14.67
N LYS A 80 -19.53 12.19 15.57
CA LYS A 80 -19.43 11.57 16.88
C LYS A 80 -19.13 10.09 16.76
N VAL A 81 -18.17 9.61 17.53
CA VAL A 81 -17.78 8.19 17.47
C VAL A 81 -18.99 7.26 17.58
N LEU A 82 -19.86 7.54 18.57
CA LEU A 82 -21.08 6.74 18.78
C LEU A 82 -22.17 6.89 17.70
N ASP A 83 -22.05 7.88 16.83
CA ASP A 83 -22.96 8.02 15.70
C ASP A 83 -22.62 7.01 14.62
N HIS A 84 -21.46 6.40 14.74
CA HIS A 84 -21.03 5.41 13.74
C HIS A 84 -21.78 4.08 13.89
N ASP A 85 -21.91 3.34 12.80
CA ASP A 85 -22.50 2.00 12.85
C ASP A 85 -21.58 0.98 13.52
N VAL A 86 -20.68 1.46 14.36
CA VAL A 86 -19.77 0.62 15.10
C VAL A 86 -20.54 -0.04 16.24
N SER A 87 -20.20 -1.29 16.57
CA SER A 87 -20.89 -1.93 17.69
C SER A 87 -20.46 -1.34 19.03
N LYS A 88 -21.45 -0.99 19.85
CA LYS A 88 -21.18 -0.24 21.07
C LYS A 88 -20.81 -1.12 22.26
N GLU A 89 -20.81 -2.43 22.06
CA GLU A 89 -20.36 -3.33 23.12
C GLU A 89 -18.89 -3.05 23.42
N GLU A 90 -18.60 -2.76 24.69
CA GLU A 90 -17.25 -2.42 25.09
C GLU A 90 -16.37 -3.66 25.27
N PRO A 91 -15.06 -3.53 25.05
CA PRO A 91 -14.41 -2.32 24.54
C PRO A 91 -14.62 -2.19 23.03
N VAL A 92 -15.05 -1.02 22.61
CA VAL A 92 -15.22 -0.71 21.21
C VAL A 92 -13.84 -0.72 20.58
N THR A 93 -13.67 -1.55 19.55
CA THR A 93 -12.35 -1.85 19.03
C THR A 93 -12.08 -1.20 17.68
N PHE A 94 -10.93 -0.54 17.55
CA PHE A 94 -10.48 -0.02 16.27
C PHE A 94 -9.06 -0.47 15.98
N HIS A 95 -8.77 -0.68 14.70
CA HIS A 95 -7.40 -0.85 14.26
C HIS A 95 -6.84 0.48 13.76
N PHE A 96 -5.76 0.94 14.39
CA PHE A 96 -5.04 2.09 13.93
C PHE A 96 -4.12 1.67 12.78
N LEU A 97 -4.42 2.19 11.59
CA LEU A 97 -3.79 1.72 10.36
C LEU A 97 -3.59 2.84 9.35
N ALA A 98 -2.58 2.68 8.50
CA ALA A 98 -2.44 3.50 7.31
C ALA A 98 -3.65 3.29 6.39
N LYS A 99 -4.22 4.40 5.96
CA LYS A 99 -5.42 4.42 5.15
C LYS A 99 -5.05 5.00 3.78
N PHE A 100 -4.14 5.95 3.79
CA PHE A 100 -3.62 6.56 2.57
C PHE A 100 -2.12 6.30 2.48
N TYR A 101 -1.67 5.88 1.29
CA TYR A 101 -0.25 5.57 1.03
C TYR A 101 0.43 6.71 0.29
N PRO A 102 1.70 6.99 0.65
CA PRO A 102 2.37 8.07 -0.07
C PRO A 102 2.64 7.69 -1.52
N GLU A 103 2.83 8.68 -2.37
CA GLU A 103 3.28 8.41 -3.74
C GLU A 103 4.70 7.90 -3.71
N ASN A 104 5.52 8.52 -2.89
CA ASN A 104 6.89 8.07 -2.69
C ASN A 104 7.22 8.13 -1.21
N ALA A 105 7.41 6.95 -0.61
CA ALA A 105 7.60 6.83 0.82
C ALA A 105 8.87 7.52 1.30
N GLU A 106 9.91 7.47 0.48
CA GLU A 106 11.21 8.04 0.84
C GLU A 106 11.14 9.56 0.94
N GLU A 107 10.29 10.18 0.12
CA GLU A 107 10.17 11.64 0.16
C GLU A 107 9.17 12.15 1.20
N GLU A 108 8.17 11.35 1.53
CA GLU A 108 7.04 11.88 2.29
C GLU A 108 6.98 11.46 3.75
N LEU A 109 7.56 10.31 4.07
CA LEU A 109 7.51 9.82 5.44
C LEU A 109 8.67 10.42 6.22
N VAL A 110 8.39 11.52 6.92
CA VAL A 110 9.43 12.27 7.62
C VAL A 110 9.79 11.65 8.97
N GLN A 111 8.79 11.25 9.74
CA GLN A 111 9.05 10.76 11.09
C GLN A 111 9.45 9.31 11.11
N GLU A 112 10.25 8.96 12.11
CA GLU A 112 10.61 7.58 12.36
C GLU A 112 9.37 6.70 12.64
N ILE A 113 8.45 7.21 13.46
CA ILE A 113 7.29 6.43 13.87
C ILE A 113 6.38 6.14 12.67
N THR A 114 6.23 7.12 11.79
CA THR A 114 5.44 6.97 10.58
C THR A 114 6.03 5.89 9.68
N GLN A 115 7.33 5.99 9.45
CA GLN A 115 8.07 5.03 8.64
C GLN A 115 7.94 3.66 9.23
N HIS A 116 8.12 3.58 10.53
CA HIS A 116 8.03 2.28 11.20
C HIS A 116 6.64 1.65 11.08
N LEU A 117 5.58 2.46 11.16
CA LEU A 117 4.22 1.95 11.12
C LEU A 117 3.82 1.50 9.71
N PHE A 118 4.29 2.22 8.70
CA PHE A 118 4.11 1.78 7.32
C PHE A 118 4.89 0.48 7.09
N PHE A 119 6.15 0.45 7.52
CA PHE A 119 6.96 -0.77 7.40
C PHE A 119 6.25 -2.03 7.93
N LEU A 120 5.78 -1.98 9.18
CA LEU A 120 5.11 -3.13 9.79
C LEU A 120 3.87 -3.49 9.01
N GLN A 121 3.11 -2.47 8.63
CA GLN A 121 1.85 -2.73 7.95
C GLN A 121 2.08 -3.35 6.57
N VAL A 122 2.97 -2.73 5.80
CA VAL A 122 3.25 -3.21 4.46
C VAL A 122 3.84 -4.62 4.46
N LYS A 123 4.81 -4.87 5.33
CA LYS A 123 5.32 -6.22 5.53
C LYS A 123 4.21 -7.22 5.86
N LYS A 124 3.28 -6.82 6.73
CA LYS A 124 2.15 -7.70 7.01
C LYS A 124 1.30 -7.95 5.75
N GLN A 125 1.13 -6.94 4.91
CA GLN A 125 0.41 -7.13 3.64
C GLN A 125 1.17 -8.06 2.67
N ILE A 126 2.49 -8.05 2.73
CA ILE A 126 3.30 -8.97 1.94
C ILE A 126 3.15 -10.41 2.45
N LEU A 127 3.35 -10.60 3.75
CA LEU A 127 3.24 -11.92 4.36
C LEU A 127 1.83 -12.48 4.31
N ASP A 128 0.82 -11.60 4.34
CA ASP A 128 -0.59 -12.02 4.26
C ASP A 128 -1.03 -12.22 2.84
N GLU A 129 -0.16 -11.88 1.90
CA GLU A 129 -0.46 -12.02 0.50
C GLU A 129 -1.60 -11.08 0.05
N LYS A 130 -1.72 -9.93 0.73
CA LYS A 130 -2.62 -8.87 0.27
C LYS A 130 -2.05 -8.19 -0.97
N ILE A 131 -0.73 -8.23 -1.10
CA ILE A 131 -0.04 -7.66 -2.24
C ILE A 131 0.74 -8.74 -2.95
N TYR A 132 0.46 -9.00 -4.23
CA TYR A 132 1.26 -10.00 -4.94
C TYR A 132 2.75 -9.63 -4.91
N CYS A 133 3.61 -10.62 -4.66
CA CYS A 133 5.04 -10.39 -4.61
C CYS A 133 5.77 -11.63 -5.12
N PRO A 134 6.57 -11.47 -6.19
CA PRO A 134 7.32 -12.59 -6.79
C PRO A 134 8.29 -13.20 -5.79
N PRO A 135 8.58 -14.50 -5.92
CA PRO A 135 9.44 -15.20 -4.95
C PRO A 135 10.80 -14.52 -4.73
N GLU A 136 11.50 -14.13 -5.80
CA GLU A 136 12.80 -13.48 -5.65
C GLU A 136 12.71 -12.18 -4.86
N ALA A 137 11.68 -11.38 -5.12
CA ALA A 137 11.46 -10.15 -4.35
C ALA A 137 11.17 -10.44 -2.88
N SER A 138 10.39 -11.48 -2.61
CA SER A 138 10.00 -11.79 -1.24
C SER A 138 11.24 -12.13 -0.42
N VAL A 139 12.27 -12.62 -1.10
CA VAL A 139 13.53 -12.94 -0.44
C VAL A 139 14.30 -11.67 -0.10
N LEU A 140 14.34 -10.75 -1.06
CA LEU A 140 15.01 -9.47 -0.86
C LEU A 140 14.36 -8.72 0.30
N LEU A 141 13.03 -8.70 0.34
CA LEU A 141 12.30 -8.03 1.41
C LEU A 141 12.64 -8.62 2.78
N ALA A 142 12.57 -9.96 2.87
CA ALA A 142 12.90 -10.66 4.10
C ALA A 142 14.28 -10.24 4.63
N SER A 143 15.26 -10.14 3.73
CA SER A 143 16.61 -9.84 4.11
C SER A 143 16.74 -8.44 4.71
N TYR A 144 15.92 -7.50 4.24
CA TYR A 144 15.84 -6.15 4.83
C TYR A 144 15.10 -6.15 6.17
N ALA A 145 14.02 -6.93 6.24
CA ALA A 145 13.31 -7.10 7.50
C ALA A 145 14.28 -7.68 8.54
N VAL A 146 15.09 -8.64 8.12
CA VAL A 146 16.04 -9.26 9.03
C VAL A 146 17.07 -8.26 9.53
N GLN A 147 17.66 -7.50 8.61
CA GLN A 147 18.60 -6.44 8.98
C GLN A 147 17.96 -5.42 9.94
N ALA A 148 16.67 -5.17 9.74
CA ALA A 148 15.93 -4.21 10.55
C ALA A 148 15.81 -4.72 11.97
N LYS A 149 15.57 -6.02 12.11
CA LYS A 149 15.37 -6.63 13.42
C LYS A 149 16.67 -6.97 14.14
N TYR A 150 17.60 -7.61 13.44
CA TYR A 150 18.80 -8.13 14.08
C TYR A 150 20.03 -7.24 14.00
N GLY A 151 20.00 -6.24 13.13
CA GLY A 151 21.19 -5.44 12.87
C GLY A 151 22.17 -6.21 12.02
N ASP A 152 23.41 -5.70 11.91
CA ASP A 152 24.45 -6.29 11.08
C ASP A 152 24.60 -7.81 11.26
N TYR A 153 24.86 -8.50 10.15
CA TYR A 153 25.03 -9.95 10.22
C TYR A 153 26.40 -10.28 10.82
N ASP A 154 26.44 -11.37 11.57
CA ASP A 154 27.67 -11.81 12.20
C ASP A 154 27.56 -13.31 12.35
N PRO A 155 28.37 -14.04 11.57
CA PRO A 155 28.38 -15.50 11.56
C PRO A 155 28.71 -16.07 12.94
N SER A 156 29.47 -15.34 13.74
CA SER A 156 29.76 -15.73 15.13
C SER A 156 28.44 -15.88 15.86
N VAL A 157 27.53 -14.94 15.60
CA VAL A 157 26.28 -14.84 16.36
C VAL A 157 25.06 -15.42 15.64
N HIS A 158 24.88 -15.05 14.37
CA HIS A 158 23.75 -15.59 13.61
C HIS A 158 24.19 -16.85 12.89
N LYS A 159 23.95 -17.98 13.53
CA LYS A 159 24.41 -19.26 13.05
C LYS A 159 23.24 -20.07 12.52
N ARG A 160 23.51 -21.31 12.09
CA ARG A 160 22.49 -22.13 11.44
C ARG A 160 21.21 -22.25 12.27
N GLY A 161 20.11 -21.83 11.69
CA GLY A 161 18.82 -21.89 12.35
C GLY A 161 18.40 -20.66 13.14
N PHE A 162 19.14 -19.57 13.02
CA PHE A 162 18.81 -18.37 13.79
C PHE A 162 17.53 -17.67 13.31
N LEU A 163 16.97 -18.12 12.19
CA LEU A 163 15.74 -17.54 11.67
C LEU A 163 14.58 -18.49 11.80
N ALA A 164 14.82 -19.59 12.51
CA ALA A 164 13.88 -20.70 12.65
C ALA A 164 12.46 -20.26 13.03
N GLN A 165 12.36 -19.46 14.08
CA GLN A 165 11.08 -19.06 14.63
C GLN A 165 10.62 -17.73 14.06
N GLU A 166 10.94 -17.48 12.80
CA GLU A 166 10.59 -16.23 12.16
C GLU A 166 9.64 -16.49 11.00
N GLU A 167 8.71 -15.57 10.78
CA GLU A 167 7.81 -15.65 9.62
C GLU A 167 8.34 -14.67 8.57
N LEU A 168 8.93 -15.21 7.51
CA LEU A 168 9.75 -14.42 6.60
C LEU A 168 9.21 -14.29 5.18
N LEU A 169 8.63 -15.37 4.67
CA LEU A 169 8.18 -15.44 3.28
C LEU A 169 6.69 -15.72 3.27
N PRO A 170 5.98 -15.22 2.26
CA PRO A 170 4.57 -15.60 2.09
C PRO A 170 4.44 -17.11 1.88
N LYS A 171 3.32 -17.68 2.30
CA LYS A 171 3.06 -19.11 2.14
C LYS A 171 3.10 -19.51 0.67
N ARG A 172 2.55 -18.66 -0.19
CA ARG A 172 2.53 -18.92 -1.62
C ARG A 172 3.93 -19.16 -2.18
N VAL A 173 4.91 -18.39 -1.72
CA VAL A 173 6.30 -18.56 -2.17
C VAL A 173 6.84 -19.91 -1.71
N ILE A 174 6.65 -20.18 -0.43
CA ILE A 174 7.07 -21.41 0.23
C ILE A 174 6.60 -22.68 -0.48
N ASN A 175 5.31 -22.77 -0.79
CA ASN A 175 4.89 -23.99 -1.48
C ASN A 175 5.03 -23.97 -3.00
N LEU A 176 5.55 -22.88 -3.55
CA LEU A 176 5.88 -22.89 -4.98
C LEU A 176 7.11 -23.75 -5.25
N TYR A 177 7.96 -23.92 -4.25
CA TYR A 177 9.25 -24.56 -4.41
C TYR A 177 9.49 -25.77 -3.49
N GLN A 178 10.36 -26.68 -3.94
CA GLN A 178 10.84 -27.76 -3.09
C GLN A 178 12.01 -27.32 -2.23
N MET A 179 12.02 -26.05 -1.83
CA MET A 179 13.07 -25.57 -0.94
C MET A 179 12.73 -25.92 0.51
N THR A 180 13.75 -26.21 1.31
CA THR A 180 13.57 -26.45 2.73
C THR A 180 13.73 -25.12 3.47
N PRO A 181 13.28 -25.06 4.74
CA PRO A 181 13.48 -23.86 5.58
C PRO A 181 14.94 -23.42 5.62
N GLU A 182 15.85 -24.40 5.69
CA GLU A 182 17.26 -24.11 5.77
C GLU A 182 17.79 -23.52 4.46
N MET A 183 17.23 -23.99 3.34
CA MET A 183 17.59 -23.44 2.04
C MET A 183 17.12 -21.99 1.91
N TRP A 184 15.87 -21.74 2.27
CA TRP A 184 15.33 -20.41 2.31
C TRP A 184 16.14 -19.51 3.25
N GLU A 185 16.47 -20.03 4.43
CA GLU A 185 17.23 -19.26 5.41
C GLU A 185 18.60 -18.94 4.85
N GLU A 186 19.15 -19.88 4.08
CA GLU A 186 20.45 -19.68 3.45
C GLU A 186 20.39 -18.53 2.46
N ARG A 187 19.35 -18.53 1.63
CA ARG A 187 19.15 -17.49 0.63
C ARG A 187 18.97 -16.12 1.28
N ILE A 188 18.15 -16.07 2.32
CA ILE A 188 17.87 -14.82 3.01
C ILE A 188 19.11 -14.25 3.69
N THR A 189 19.86 -15.13 4.34
CA THR A 189 21.08 -14.74 5.06
C THR A 189 22.12 -14.19 4.09
N ALA A 190 22.14 -14.72 2.88
CA ALA A 190 23.15 -14.32 1.89
C ALA A 190 22.96 -12.88 1.49
N TRP A 191 21.70 -12.47 1.40
CA TRP A 191 21.39 -11.08 1.08
C TRP A 191 21.53 -10.23 2.34
N TYR A 192 21.09 -10.80 3.46
CA TYR A 192 21.22 -10.18 4.78
C TYR A 192 22.64 -9.66 5.00
N ALA A 193 23.63 -10.52 4.76
CA ALA A 193 25.04 -10.14 4.89
C ALA A 193 25.46 -8.94 4.02
N GLU A 194 24.76 -8.72 2.91
CA GLU A 194 25.11 -7.60 2.02
C GLU A 194 24.66 -6.23 2.54
N HIS A 195 23.72 -6.24 3.48
CA HIS A 195 23.18 -5.00 4.04
C HIS A 195 24.03 -4.45 5.20
N ARG A 196 25.20 -5.02 5.44
CA ARG A 196 26.02 -4.63 6.59
C ARG A 196 26.19 -3.13 6.64
N GLY A 197 26.03 -2.57 7.83
CA GLY A 197 26.18 -1.14 8.01
C GLY A 197 24.95 -0.34 7.65
N ARG A 198 23.85 -1.02 7.32
CA ARG A 198 22.61 -0.32 7.01
C ARG A 198 21.88 -0.15 8.31
N ALA A 199 21.56 1.09 8.68
CA ALA A 199 20.82 1.33 9.92
C ALA A 199 19.41 0.76 9.85
N ARG A 200 18.83 0.49 11.01
CA ARG A 200 17.54 -0.19 11.07
C ARG A 200 16.41 0.58 10.38
N ASP A 201 16.40 1.90 10.51
CA ASP A 201 15.36 2.69 9.88
C ASP A 201 15.67 2.77 8.40
N GLU A 202 16.95 2.72 8.05
CA GLU A 202 17.33 2.64 6.65
C GLU A 202 16.84 1.33 6.04
N ALA A 203 16.96 0.24 6.79
CA ALA A 203 16.53 -1.07 6.31
C ALA A 203 15.03 -1.06 6.01
N GLU A 204 14.24 -0.58 6.97
CA GLU A 204 12.77 -0.55 6.81
C GLU A 204 12.35 0.33 5.62
N MET A 205 13.08 1.41 5.37
CA MET A 205 12.76 2.29 4.24
C MET A 205 13.17 1.65 2.91
N GLU A 206 14.26 0.89 2.90
CA GLU A 206 14.65 0.12 1.71
C GLU A 206 13.54 -0.89 1.37
N TYR A 207 13.11 -1.62 2.40
CA TYR A 207 11.93 -2.47 2.32
C TYR A 207 10.75 -1.74 1.68
N LEU A 208 10.40 -0.58 2.21
CA LEU A 208 9.24 0.13 1.68
C LEU A 208 9.51 0.57 0.25
N LYS A 209 10.76 0.92 -0.06
CA LYS A 209 11.07 1.35 -1.42
C LYS A 209 10.87 0.23 -2.44
N ILE A 210 11.28 -1.00 -2.12
CA ILE A 210 11.02 -2.07 -3.05
C ILE A 210 9.54 -2.50 -3.02
N ALA A 211 8.90 -2.50 -1.86
CA ALA A 211 7.47 -2.86 -1.81
C ALA A 211 6.58 -1.92 -2.63
N GLN A 212 6.90 -0.63 -2.60
CA GLN A 212 6.03 0.36 -3.24
C GLN A 212 6.03 0.24 -4.76
N ASP A 213 7.00 -0.49 -5.30
CA ASP A 213 7.04 -0.72 -6.73
C ASP A 213 6.27 -1.97 -7.15
N LEU A 214 5.74 -2.72 -6.18
CA LEU A 214 4.85 -3.85 -6.51
C LEU A 214 3.54 -3.34 -7.09
N GLU A 215 3.02 -4.07 -8.07
CA GLU A 215 1.83 -3.60 -8.75
C GLU A 215 0.59 -3.47 -7.88
N MET A 216 0.45 -4.31 -6.86
CA MET A 216 -0.75 -4.22 -6.03
C MET A 216 -0.55 -3.30 -4.84
N TYR A 217 0.65 -2.74 -4.68
CA TYR A 217 0.92 -1.95 -3.49
C TYR A 217 0.07 -0.71 -3.45
N GLY A 218 -0.52 -0.46 -2.29
CA GLY A 218 -1.27 0.76 -2.05
C GLY A 218 -2.55 0.85 -2.84
N VAL A 219 -2.99 -0.26 -3.44
CA VAL A 219 -4.22 -0.26 -4.21
C VAL A 219 -5.44 -0.81 -3.44
N ASN A 220 -6.52 -0.04 -3.41
CA ASN A 220 -7.78 -0.47 -2.84
C ASN A 220 -8.68 -1.00 -3.95
N TYR A 221 -9.01 -2.29 -3.87
CA TYR A 221 -9.78 -2.95 -4.91
C TYR A 221 -11.25 -3.09 -4.52
N PHE A 222 -12.12 -2.92 -5.51
CA PHE A 222 -13.56 -3.01 -5.34
C PHE A 222 -14.19 -3.63 -6.59
N ALA A 223 -15.21 -4.46 -6.37
CA ALA A 223 -16.02 -5.01 -7.43
C ALA A 223 -16.99 -3.93 -7.92
N ILE A 224 -17.03 -3.70 -9.22
CA ILE A 224 -17.97 -2.73 -9.79
C ILE A 224 -18.48 -3.21 -11.12
N ARG A 225 -19.44 -2.47 -11.69
CA ARG A 225 -19.96 -2.74 -13.02
C ARG A 225 -20.03 -1.49 -13.88
N ASN A 226 -19.94 -1.66 -15.20
CA ASN A 226 -20.24 -0.56 -16.14
C ASN A 226 -21.75 -0.51 -16.44
N LYS A 227 -22.15 0.36 -17.36
CA LYS A 227 -23.56 0.52 -17.73
C LYS A 227 -24.16 -0.78 -18.23
N LYS A 228 -23.40 -1.49 -19.06
CA LYS A 228 -23.80 -2.79 -19.58
C LYS A 228 -23.97 -3.86 -18.49
N GLY A 229 -23.17 -3.75 -17.43
CA GLY A 229 -23.28 -4.66 -16.31
C GLY A 229 -22.13 -5.66 -16.22
N THR A 230 -21.13 -5.55 -17.07
CA THR A 230 -19.97 -6.44 -16.95
C THR A 230 -19.19 -6.23 -15.65
N GLU A 231 -18.76 -7.33 -15.06
CA GLU A 231 -18.04 -7.29 -13.80
C GLU A 231 -16.63 -6.78 -14.04
N LEU A 232 -16.23 -5.81 -13.23
CA LEU A 232 -14.91 -5.23 -13.33
C LEU A 232 -14.37 -4.95 -11.94
N LEU A 233 -13.07 -4.75 -11.82
CA LEU A 233 -12.50 -4.30 -10.56
C LEU A 233 -12.10 -2.82 -10.66
N LEU A 234 -12.46 -2.07 -9.64
CA LEU A 234 -11.95 -0.72 -9.46
C LEU A 234 -10.77 -0.69 -8.49
N GLY A 235 -9.68 -0.08 -8.93
CA GLY A 235 -8.54 0.16 -8.06
C GLY A 235 -8.46 1.64 -7.74
N VAL A 236 -8.56 1.97 -6.47
CA VAL A 236 -8.37 3.34 -6.00
C VAL A 236 -7.02 3.48 -5.31
N ASP A 237 -6.14 4.31 -5.87
CA ASP A 237 -4.86 4.54 -5.21
C ASP A 237 -4.43 6.00 -5.24
N ALA A 238 -3.19 6.24 -4.81
CA ALA A 238 -2.65 7.58 -4.73
C ALA A 238 -2.52 8.25 -6.11
N LEU A 239 -2.42 7.44 -7.16
CA LEU A 239 -2.25 7.93 -8.55
C LEU A 239 -3.55 8.26 -9.27
N GLY A 240 -4.59 7.48 -8.99
CA GLY A 240 -5.89 7.68 -9.64
C GLY A 240 -6.84 6.50 -9.48
N LEU A 241 -7.74 6.36 -10.45
CA LEU A 241 -8.68 5.27 -10.52
C LEU A 241 -8.33 4.34 -11.68
N HIS A 242 -8.23 3.05 -11.41
CA HIS A 242 -7.77 2.11 -12.41
C HIS A 242 -8.82 1.03 -12.60
N ILE A 243 -9.01 0.57 -13.83
CA ILE A 243 -10.03 -0.44 -14.10
C ILE A 243 -9.37 -1.75 -14.51
N TYR A 244 -9.67 -2.84 -13.81
CA TYR A 244 -9.05 -4.14 -14.10
C TYR A 244 -10.04 -5.16 -14.61
N ASP A 245 -9.55 -6.03 -15.48
CA ASP A 245 -10.22 -7.28 -15.74
C ASP A 245 -10.15 -8.04 -14.42
N PRO A 246 -11.29 -8.57 -13.95
CA PRO A 246 -11.29 -9.25 -12.65
C PRO A 246 -10.34 -10.44 -12.61
N GLU A 247 -9.93 -10.96 -13.75
CA GLU A 247 -8.95 -12.04 -13.74
C GLU A 247 -7.51 -11.53 -13.60
N ASN A 248 -7.34 -10.22 -13.56
CA ASN A 248 -5.98 -9.65 -13.49
C ASN A 248 -5.89 -8.36 -12.66
N ARG A 249 -5.48 -8.50 -11.40
CA ARG A 249 -5.35 -7.41 -10.45
C ARG A 249 -4.03 -6.67 -10.56
N LEU A 250 -3.12 -7.22 -11.37
CA LEU A 250 -1.77 -6.66 -11.49
C LEU A 250 -1.69 -5.47 -12.44
N THR A 251 -2.38 -5.57 -13.57
CA THR A 251 -2.24 -4.59 -14.65
C THR A 251 -3.61 -4.11 -15.11
N PRO A 252 -3.90 -2.83 -14.91
CA PRO A 252 -5.23 -2.37 -15.30
C PRO A 252 -5.37 -2.26 -16.81
N LYS A 253 -6.61 -2.38 -17.29
CA LYS A 253 -6.93 -2.13 -18.68
C LYS A 253 -7.03 -0.62 -18.93
N ILE A 254 -7.41 0.15 -17.92
CA ILE A 254 -7.61 1.61 -18.05
C ILE A 254 -7.17 2.35 -16.78
N SER A 255 -6.68 3.58 -16.92
CA SER A 255 -6.39 4.46 -15.77
C SER A 255 -6.82 5.91 -16.00
N PHE A 256 -7.66 6.41 -15.09
CA PHE A 256 -7.98 7.82 -14.99
C PHE A 256 -7.20 8.39 -13.80
N PRO A 257 -6.08 9.07 -14.09
CA PRO A 257 -5.24 9.70 -13.05
C PRO A 257 -5.95 10.89 -12.42
N TRP A 258 -5.59 11.22 -11.19
CA TRP A 258 -6.31 12.24 -10.42
C TRP A 258 -6.25 13.62 -11.09
N ASN A 259 -5.15 13.86 -11.81
CA ASN A 259 -4.98 15.15 -12.49
C ASN A 259 -6.05 15.42 -13.54
N GLU A 260 -6.57 14.36 -14.16
CA GLU A 260 -7.66 14.50 -15.13
C GLU A 260 -9.02 14.57 -14.47
N ILE A 261 -9.06 14.57 -13.14
CA ILE A 261 -10.34 14.47 -12.45
C ILE A 261 -10.70 15.76 -11.71
N ARG A 262 -11.91 16.25 -11.97
CA ARG A 262 -12.41 17.46 -11.34
C ARG A 262 -13.25 17.15 -10.12
N ASN A 263 -14.14 16.18 -10.25
CA ASN A 263 -15.09 15.90 -9.18
C ASN A 263 -15.53 14.43 -9.09
N ILE A 264 -15.83 13.97 -7.88
CA ILE A 264 -16.36 12.62 -7.64
C ILE A 264 -17.71 12.76 -6.94
N SER A 265 -18.76 12.22 -7.54
CA SER A 265 -20.04 12.22 -6.84
C SER A 265 -20.75 10.86 -6.82
N TYR A 266 -21.75 10.75 -5.95
CA TYR A 266 -22.47 9.51 -5.75
C TYR A 266 -23.95 9.71 -5.45
N SER A 267 -24.78 8.83 -6.00
CA SER A 267 -26.12 8.62 -5.49
C SER A 267 -26.63 7.26 -5.96
N ASP A 268 -27.40 6.61 -5.09
CA ASP A 268 -28.10 5.37 -5.44
C ASP A 268 -27.26 4.31 -6.16
N LYS A 269 -26.19 3.87 -5.51
CA LYS A 269 -25.38 2.77 -6.03
C LYS A 269 -24.66 3.11 -7.35
N GLU A 270 -24.58 4.39 -7.69
CA GLU A 270 -23.79 4.79 -8.84
C GLU A 270 -22.82 5.95 -8.57
N PHE A 271 -21.61 5.84 -9.10
CA PHE A 271 -20.61 6.89 -9.00
C PHE A 271 -20.45 7.65 -10.29
N THR A 272 -20.25 8.94 -10.18
CA THR A 272 -19.95 9.78 -11.32
C THR A 272 -18.62 10.50 -11.15
N ILE A 273 -17.67 10.18 -12.02
CA ILE A 273 -16.37 10.84 -12.05
C ILE A 273 -16.37 11.90 -13.16
N LYS A 274 -16.12 13.15 -12.78
CA LYS A 274 -16.16 14.28 -13.70
C LYS A 274 -14.76 14.75 -14.12
N PRO A 275 -14.51 14.87 -15.44
CA PRO A 275 -13.26 15.36 -16.02
C PRO A 275 -13.12 16.87 -15.80
N LEU A 276 -11.95 17.41 -16.16
CA LEU A 276 -11.74 18.85 -16.04
C LEU A 276 -12.51 19.60 -17.12
N ASP A 277 -12.48 19.08 -18.34
CA ASP A 277 -13.26 19.66 -19.43
C ASP A 277 -14.73 19.33 -19.27
N LYS A 278 -15.53 20.35 -18.93
CA LYS A 278 -16.96 20.17 -18.69
C LYS A 278 -17.72 19.69 -19.94
N LYS A 279 -17.06 19.77 -21.09
CA LYS A 279 -17.68 19.39 -22.35
C LYS A 279 -17.48 17.90 -22.63
N ILE A 280 -16.57 17.27 -21.89
CA ILE A 280 -16.29 15.84 -22.07
C ILE A 280 -17.27 14.97 -21.29
N ASP A 281 -17.60 13.81 -21.87
CA ASP A 281 -18.52 12.87 -21.24
C ASP A 281 -17.97 12.37 -19.91
N VAL A 282 -18.82 12.24 -18.90
CA VAL A 282 -18.38 11.79 -17.58
C VAL A 282 -18.11 10.29 -17.54
N PHE A 283 -17.43 9.86 -16.48
CA PHE A 283 -17.16 8.45 -16.25
C PHE A 283 -18.00 7.94 -15.09
N LYS A 284 -18.80 6.90 -15.36
CA LYS A 284 -19.71 6.33 -14.36
C LYS A 284 -19.49 4.85 -14.15
N PHE A 285 -19.58 4.42 -12.88
CA PHE A 285 -19.62 3.00 -12.53
C PHE A 285 -20.61 2.74 -11.40
N ASN A 286 -21.06 1.50 -11.27
CA ASN A 286 -22.05 1.17 -10.24
C ASN A 286 -21.63 0.03 -9.29
N SER A 287 -22.12 0.11 -8.06
CA SER A 287 -21.79 -0.83 -6.99
C SER A 287 -22.92 -0.85 -5.99
N SER A 288 -23.39 -2.05 -5.67
CA SER A 288 -24.65 -2.21 -4.98
C SER A 288 -24.50 -2.41 -3.47
N LYS A 289 -23.28 -2.56 -3.01
CA LYS A 289 -23.02 -2.72 -1.59
C LYS A 289 -22.77 -1.36 -0.94
N LEU A 290 -23.77 -0.91 -0.18
CA LEU A 290 -23.83 0.47 0.31
C LEU A 290 -22.67 0.80 1.25
N ARG A 291 -22.41 -0.08 2.21
CA ARG A 291 -21.32 0.16 3.14
C ARG A 291 -19.98 0.19 2.41
N VAL A 292 -19.85 -0.61 1.36
CA VAL A 292 -18.64 -0.64 0.55
C VAL A 292 -18.53 0.68 -0.20
N ASN A 293 -19.68 1.20 -0.64
CA ASN A 293 -19.68 2.46 -1.37
C ASN A 293 -19.10 3.62 -0.55
N LYS A 294 -19.42 3.64 0.75
CA LYS A 294 -18.86 4.61 1.68
C LYS A 294 -17.35 4.61 1.63
N LEU A 295 -16.80 3.40 1.65
CA LEU A 295 -15.37 3.21 1.52
C LEU A 295 -14.85 3.80 0.21
N ILE A 296 -15.52 3.46 -0.89
CA ILE A 296 -15.08 3.92 -2.20
C ILE A 296 -15.06 5.45 -2.22
N LEU A 297 -16.15 6.03 -1.72
CA LEU A 297 -16.29 7.47 -1.70
C LEU A 297 -15.20 8.14 -0.82
N GLN A 298 -15.01 7.66 0.40
CA GLN A 298 -13.95 8.19 1.28
C GLN A 298 -12.56 8.17 0.64
N LEU A 299 -12.22 7.04 0.05
CA LEU A 299 -10.88 6.83 -0.48
C LEU A 299 -10.66 7.65 -1.74
N CYS A 300 -11.70 7.80 -2.55
CA CYS A 300 -11.57 8.56 -3.79
C CYS A 300 -11.30 10.03 -3.44
N ILE A 301 -12.12 10.58 -2.57
CA ILE A 301 -12.01 11.99 -2.21
C ILE A 301 -10.68 12.23 -1.48
N GLY A 302 -10.41 11.42 -0.48
CA GLY A 302 -9.15 11.52 0.24
C GLY A 302 -7.91 11.45 -0.63
N ASN A 303 -7.78 10.41 -1.46
CA ASN A 303 -6.60 10.29 -2.30
C ASN A 303 -6.54 11.40 -3.34
N HIS A 304 -7.70 11.78 -3.88
CA HIS A 304 -7.73 12.86 -4.85
C HIS A 304 -7.22 14.14 -4.19
N ASP A 305 -7.63 14.39 -2.94
CA ASP A 305 -7.19 15.59 -2.23
C ASP A 305 -5.69 15.60 -1.97
N LEU A 306 -5.18 14.52 -1.40
CA LEU A 306 -3.75 14.39 -1.16
C LEU A 306 -2.92 14.54 -2.44
N PHE A 307 -3.42 13.98 -3.54
CA PHE A 307 -2.76 14.09 -4.82
C PHE A 307 -2.66 15.55 -5.27
N MET A 308 -3.76 16.27 -5.14
CA MET A 308 -3.78 17.65 -5.60
C MET A 308 -2.87 18.49 -4.72
N ARG A 309 -2.78 18.14 -3.45
CA ARG A 309 -1.87 18.87 -2.58
C ARG A 309 -0.44 18.63 -2.99
N ARG A 310 -0.13 17.41 -3.44
CA ARG A 310 1.22 17.13 -3.91
C ARG A 310 1.54 17.91 -5.20
N ARG A 311 0.61 17.93 -6.15
CA ARG A 311 0.87 18.64 -7.39
C ARG A 311 1.11 20.13 -7.16
N LYS A 312 0.48 20.69 -6.13
CA LYS A 312 0.60 22.13 -5.87
C LYS A 312 1.74 22.42 -4.92
N ALA A 313 2.50 21.38 -4.57
CA ALA A 313 3.44 21.42 -3.45
C ALA A 313 2.88 22.16 -2.23
N ASP A 314 1.66 21.83 -1.86
CA ASP A 314 1.06 22.32 -0.63
C ASP A 314 1.33 21.26 0.44
N SER A 315 1.08 21.59 1.70
CA SER A 315 1.21 20.61 2.77
C SER A 315 0.08 19.61 2.64
N LEU A 316 0.33 18.38 3.08
CA LEU A 316 -0.74 17.40 3.14
C LEU A 316 -1.64 17.76 4.32
N GLU A 317 -2.84 17.21 4.32
CA GLU A 317 -3.79 17.52 5.37
C GLU A 317 -4.66 16.30 5.67
N VAL A 318 -5.07 16.19 6.94
CA VAL A 318 -5.95 15.13 7.41
C VAL A 318 -7.28 15.16 6.68
N GLN A 319 -7.63 14.03 6.08
CA GLN A 319 -8.85 13.91 5.29
C GLN A 319 -10.09 13.66 6.13
N GLN A 320 -11.15 13.22 5.43
CA GLN A 320 -12.45 12.84 6.00
C GLN A 320 -13.42 14.02 6.09
N THR B 7 28.49 28.88 -10.20
CA THR B 7 29.44 28.20 -9.33
C THR B 7 28.74 27.18 -8.45
N ASP B 8 27.88 27.65 -7.57
CA ASP B 8 27.10 26.78 -6.70
C ASP B 8 26.09 25.96 -7.49
N MET B 9 25.62 26.52 -8.61
CA MET B 9 24.68 25.81 -9.44
C MET B 9 25.32 24.62 -10.13
N LYS B 10 26.57 24.79 -10.56
CA LYS B 10 27.29 23.70 -11.23
C LYS B 10 27.58 22.64 -10.18
N ARG B 11 27.78 23.09 -8.95
CA ARG B 11 28.02 22.25 -7.80
C ARG B 11 26.79 21.42 -7.45
N LEU B 12 25.62 22.04 -7.53
CA LEU B 12 24.38 21.35 -7.26
C LEU B 12 24.12 20.29 -8.34
N ASP B 13 24.28 20.68 -9.60
CA ASP B 13 24.12 19.76 -10.72
C ASP B 13 24.97 18.50 -10.54
N MET B 14 26.19 18.69 -10.08
CA MET B 14 27.09 17.59 -9.84
C MET B 14 26.63 16.73 -8.66
N GLU B 15 26.11 17.38 -7.61
CA GLU B 15 25.54 16.65 -6.48
C GLU B 15 24.39 15.78 -7.01
N ILE B 16 23.57 16.39 -7.85
CA ILE B 16 22.42 15.73 -8.42
C ILE B 16 22.86 14.55 -9.29
N GLU B 17 23.91 14.74 -10.07
CA GLU B 17 24.38 13.64 -10.89
C GLU B 17 24.93 12.50 -10.05
N LYS B 18 25.57 12.85 -8.93
CA LYS B 18 26.11 11.86 -8.01
C LYS B 18 25.01 10.98 -7.44
N GLU B 19 23.99 11.63 -6.87
CA GLU B 19 22.80 10.96 -6.37
C GLU B 19 22.22 10.02 -7.43
N LYS B 20 22.04 10.55 -8.64
CA LYS B 20 21.47 9.78 -9.75
C LYS B 20 22.25 8.52 -10.05
N VAL B 21 23.56 8.69 -10.22
CA VAL B 21 24.47 7.59 -10.47
C VAL B 21 24.33 6.51 -9.41
N GLU B 22 24.25 6.91 -8.15
CA GLU B 22 24.15 5.96 -7.07
C GLU B 22 22.83 5.20 -7.15
N TYR B 23 21.76 5.91 -7.49
CA TYR B 23 20.45 5.29 -7.66
C TYR B 23 20.50 4.19 -8.72
N MET B 24 20.93 4.57 -9.92
CA MET B 24 21.02 3.67 -11.06
C MET B 24 21.94 2.48 -10.78
N GLU B 25 23.01 2.73 -10.02
CA GLU B 25 24.00 1.69 -9.73
C GLU B 25 23.47 0.65 -8.72
N LYS B 26 22.89 1.14 -7.62
CA LYS B 26 22.25 0.27 -6.65
C LYS B 26 21.06 -0.49 -7.27
N SER B 27 20.30 0.21 -8.11
CA SER B 27 19.14 -0.36 -8.78
C SER B 27 19.50 -1.45 -9.79
N LYS B 28 20.49 -1.19 -10.64
CA LYS B 28 20.94 -2.19 -11.60
C LYS B 28 21.38 -3.46 -10.88
N HIS B 29 22.15 -3.29 -9.80
CA HIS B 29 22.68 -4.40 -9.04
C HIS B 29 21.53 -5.25 -8.48
N LEU B 30 20.51 -4.58 -8.00
CA LEU B 30 19.36 -5.22 -7.39
C LEU B 30 18.57 -6.05 -8.42
N GLN B 31 18.26 -5.43 -9.55
CA GLN B 31 17.56 -6.12 -10.62
C GLN B 31 18.35 -7.34 -11.07
N GLU B 32 19.66 -7.22 -11.09
CA GLU B 32 20.54 -8.30 -11.52
C GLU B 32 20.52 -9.45 -10.52
N GLN B 33 20.56 -9.12 -9.23
CA GLN B 33 20.49 -10.15 -8.20
C GLN B 33 19.13 -10.83 -8.16
N LEU B 34 18.06 -10.06 -8.40
CA LEU B 34 16.73 -10.63 -8.40
C LEU B 34 16.63 -11.64 -9.54
N ASN B 35 17.17 -11.28 -10.70
CA ASN B 35 17.14 -12.15 -11.86
C ASN B 35 17.96 -13.40 -11.65
N GLU B 36 19.17 -13.24 -11.10
CA GLU B 36 20.01 -14.37 -10.77
C GLU B 36 19.31 -15.34 -9.82
N LEU B 37 18.75 -14.82 -8.73
CA LEU B 37 18.06 -15.65 -7.75
C LEU B 37 16.89 -16.42 -8.35
N LYS B 38 16.12 -15.73 -9.20
CA LYS B 38 14.95 -16.34 -9.79
C LYS B 38 15.34 -17.57 -10.62
N THR B 39 16.39 -17.41 -11.42
CA THR B 39 16.95 -18.49 -12.22
C THR B 39 17.60 -19.58 -11.37
N GLU B 40 18.33 -19.19 -10.32
CA GLU B 40 19.00 -20.14 -9.44
C GLU B 40 18.03 -21.09 -8.74
N ILE B 41 16.81 -20.64 -8.47
CA ILE B 41 15.87 -21.54 -7.81
C ILE B 41 14.78 -22.15 -8.70
N GLU B 42 14.77 -21.78 -9.99
CA GLU B 42 13.77 -22.25 -10.96
C GLU B 42 13.62 -23.77 -10.99
N ALA B 43 14.75 -24.49 -10.99
CA ALA B 43 14.73 -25.95 -11.00
C ALA B 43 14.01 -26.56 -9.80
N LEU B 44 13.93 -25.81 -8.69
CA LEU B 44 13.21 -26.30 -7.51
C LEU B 44 11.73 -25.90 -7.54
N LYS B 45 11.30 -25.25 -8.62
CA LYS B 45 9.93 -24.79 -8.69
C LYS B 45 8.98 -25.90 -9.04
N LEU B 46 7.86 -25.93 -8.33
CA LEU B 46 6.78 -26.88 -8.60
C LEU B 46 5.78 -26.20 -9.51
N LYS B 47 6.02 -26.33 -10.82
CA LYS B 47 5.23 -25.67 -11.86
C LYS B 47 3.72 -25.93 -11.71
N GLU B 48 3.37 -27.07 -11.14
CA GLU B 48 1.97 -27.44 -10.95
C GLU B 48 1.29 -26.52 -9.94
N ARG B 49 2.09 -25.84 -9.13
CA ARG B 49 1.54 -24.97 -8.11
C ARG B 49 1.61 -23.50 -8.51
N GLU B 50 1.93 -23.23 -9.77
CA GLU B 50 2.06 -21.87 -10.24
C GLU B 50 0.69 -21.20 -10.20
N THR B 51 0.65 -19.98 -9.69
CA THR B 51 -0.61 -19.23 -9.66
C THR B 51 -0.76 -18.40 -10.92
N ALA B 52 -2.00 -18.03 -11.24
CA ALA B 52 -2.29 -17.22 -12.41
C ALA B 52 -1.61 -15.85 -12.28
N LEU B 53 -1.59 -15.33 -11.06
CA LEU B 53 -0.83 -14.12 -10.74
C LEU B 53 0.64 -14.28 -11.10
N ASP B 54 1.24 -15.40 -10.68
CA ASP B 54 2.60 -15.72 -11.04
C ASP B 54 2.79 -15.76 -12.56
N ILE B 55 1.91 -16.48 -13.25
CA ILE B 55 2.00 -16.58 -14.71
C ILE B 55 1.67 -15.25 -15.38
N LEU B 56 0.76 -14.48 -14.77
CA LEU B 56 0.43 -13.16 -15.31
C LEU B 56 1.55 -12.16 -15.01
N HIS B 57 2.35 -12.47 -14.00
CA HIS B 57 3.48 -11.62 -13.64
C HIS B 57 4.63 -11.77 -14.63
N ASN B 58 4.92 -12.99 -15.06
CA ASN B 58 5.97 -13.24 -16.05
C ASN B 58 5.67 -12.66 -17.44
N GLU B 59 4.97 -11.53 -17.46
CA GLU B 59 4.65 -10.83 -18.68
C GLU B 59 5.41 -9.50 -18.74
N SER B 67 8.12 -1.77 -14.68
CA SER B 67 7.76 -1.24 -13.36
C SER B 67 6.28 -0.84 -13.36
N LYS B 68 5.74 -0.62 -12.17
CA LYS B 68 4.35 -0.20 -12.06
C LYS B 68 4.16 1.20 -12.64
N HIS B 69 5.15 2.06 -12.44
CA HIS B 69 5.06 3.45 -12.88
C HIS B 69 5.15 3.55 -14.39
N ASN B 70 5.97 2.69 -14.98
CA ASN B 70 6.15 2.64 -16.42
C ASN B 70 4.83 2.33 -17.12
N THR B 71 4.12 1.32 -16.63
CA THR B 71 2.86 0.89 -17.23
C THR B 71 1.76 1.94 -17.05
N ILE B 72 1.83 2.68 -15.95
CA ILE B 72 0.87 3.73 -15.67
C ILE B 72 0.92 4.84 -16.72
N LYS B 73 2.13 5.37 -16.97
CA LYS B 73 2.31 6.46 -17.92
C LYS B 73 1.76 6.13 -19.30
N LYS B 74 1.89 4.87 -19.68
CA LYS B 74 1.37 4.39 -20.96
C LYS B 74 -0.16 4.33 -20.98
N LEU B 75 -0.80 4.09 -19.84
CA LEU B 75 -2.27 4.12 -19.75
C LEU B 75 -2.75 5.55 -19.59
N THR B 76 -1.94 6.37 -18.94
CA THR B 76 -2.29 7.76 -18.66
C THR B 76 -2.39 8.61 -19.94
N LEU B 77 -1.73 8.16 -21.01
CA LEU B 77 -1.69 8.93 -22.25
C LEU B 77 -2.99 8.87 -23.05
N GLN B 78 -3.66 7.72 -23.02
CA GLN B 78 -4.95 7.56 -23.69
C GLN B 78 -5.93 8.64 -23.26
N SER B 79 -6.61 9.25 -24.23
CA SER B 79 -7.50 10.36 -23.94
C SER B 79 -8.69 9.92 -23.08
N TRP B 80 -9.24 10.89 -22.34
CA TRP B 80 -10.35 10.64 -21.45
C TRP B 80 -11.55 10.09 -22.18
N LYS B 81 -11.83 10.67 -23.35
CA LYS B 81 -12.97 10.27 -24.16
C LYS B 81 -12.91 8.81 -24.54
N SER B 82 -11.76 8.40 -25.06
CA SER B 82 -11.62 7.03 -25.53
C SER B 82 -11.59 6.01 -24.38
N ARG B 83 -11.03 6.39 -23.23
CA ARG B 83 -11.03 5.50 -22.07
C ARG B 83 -12.45 5.25 -21.59
N VAL B 84 -13.23 6.33 -21.54
CA VAL B 84 -14.63 6.23 -21.15
C VAL B 84 -15.37 5.31 -22.13
N ALA B 85 -15.21 5.58 -23.42
CA ALA B 85 -15.82 4.76 -24.45
C ALA B 85 -15.36 3.30 -24.35
N PHE B 86 -14.09 3.11 -24.02
CA PHE B 86 -13.53 1.77 -23.86
C PHE B 86 -14.18 1.07 -22.66
N PHE B 87 -14.22 1.80 -21.54
CA PHE B 87 -14.84 1.29 -20.31
C PHE B 87 -16.24 0.73 -20.54
N GLU B 88 -17.07 1.49 -21.24
CA GLU B 88 -18.46 1.08 -21.48
C GLU B 88 -18.61 -0.08 -22.46
N GLU B 89 -17.58 -0.29 -23.29
CA GLU B 89 -17.59 -1.41 -24.23
C GLU B 89 -17.11 -2.72 -23.59
N LEU B 90 -16.30 -2.62 -22.53
CA LEU B 90 -15.79 -3.83 -21.87
C LEU B 90 -16.90 -4.80 -21.50
C1 GOL C . -25.41 5.36 8.77
O1 GOL C . -25.70 3.99 8.97
C2 GOL C . -23.89 5.50 8.81
O2 GOL C . -23.34 4.64 7.84
C3 GOL C . -23.35 5.11 10.19
O3 GOL C . -21.92 5.27 10.18
C1 GOL D . -1.49 0.94 -10.21
O1 GOL D . -0.73 1.63 -9.24
C2 GOL D . -1.05 -0.49 -10.07
O2 GOL D . 0.31 -0.57 -10.47
C3 GOL D . -1.86 -1.43 -10.95
O3 GOL D . -1.93 -2.69 -10.33
C1 GOL E . -21.28 15.37 34.31
O1 GOL E . -20.13 16.10 34.02
C2 GOL E . -21.24 14.82 35.75
O2 GOL E . -22.31 15.37 36.51
C3 GOL E . -19.92 15.14 36.44
O3 GOL E . -18.96 14.15 36.17
C1 GOL F . -8.70 10.23 9.03
O1 GOL F . -8.84 8.85 8.80
C2 GOL F . -8.27 10.96 7.77
O2 GOL F . -9.10 10.70 6.67
C3 GOL F . -6.80 10.73 7.44
O3 GOL F . -6.43 11.68 6.46
C1 GOL G . -25.77 -4.17 1.10
O1 GOL G . -26.07 -2.95 0.44
C2 GOL G . -24.73 -4.00 2.19
O2 GOL G . -24.60 -2.65 2.57
C3 GOL G . -23.38 -4.56 1.72
O3 GOL G . -22.34 -3.63 2.00
C1 GOL H . -15.11 -8.61 7.47
O1 GOL H . -15.92 -9.02 6.39
C2 GOL H . -13.90 -7.88 6.91
O2 GOL H . -13.93 -7.96 5.50
C3 GOL H . -12.61 -8.49 7.43
O3 GOL H . -12.18 -7.84 8.62
C1 GOL I . 1.10 3.88 -4.06
O1 GOL I . 0.91 4.75 -2.97
C2 GOL I . 2.10 4.46 -5.04
O2 GOL I . 1.89 3.88 -6.31
C3 GOL I . 3.52 4.11 -4.62
O3 GOL I . 4.33 4.22 -5.76
C1 GOL J . -5.65 -7.00 -1.07
O1 GOL J . -5.92 -5.86 -1.86
C2 GOL J . -6.74 -8.06 -1.19
O2 GOL J . -6.20 -9.33 -0.96
C3 GOL J . -7.38 -8.01 -2.58
O3 GOL J . -6.46 -8.53 -3.52
#